data_8I3E
#
_entry.id   8I3E
#
_cell.length_a   110.379
_cell.length_b   46.111
_cell.length_c   84.359
_cell.angle_alpha   90.000
_cell.angle_beta   110.438
_cell.angle_gamma   90.000
#
_symmetry.space_group_name_H-M   'C 1 2 1'
#
loop_
_entity.id
_entity.type
_entity.pdbx_description
1 polymer 'ELKS/Rab6-interacting/CAST family member 1'
2 polymer 'MKIAA0559 protein'
#
loop_
_entity_poly.entity_id
_entity_poly.type
_entity_poly.pdbx_seq_one_letter_code
_entity_poly.pdbx_strand_id
1 'polypeptide(L)'
;GPGSSDSKQHIEVLKESLTAKEQRAAILQTEVDALRLRLEEKETMLNKKTKQIQDMAEEKGTQAGEIHDLKDMLDVKERK
VNVLQKKIENLQEQLRDKEKQMSSLKERVKSLQADTTNTDTALTTLEEALADKERTIERLKEQRDR
;
A,B
2 'polypeptide(L)'
;GPGSNTMARAKILQDIDRELDLVERESAKLRKKQAELDEEEKEIDAKLRYLEMGINRRKEALLKEREKRERAYLQGVAED
RDYMSDSEVSS
;
C
#
# COMPACT_ATOMS: atom_id res chain seq x y z
N SER A 7 58.89 53.80 61.74
CA SER A 7 58.97 52.36 61.96
C SER A 7 57.82 51.83 62.80
N LYS A 8 57.47 52.57 63.85
CA LYS A 8 56.52 52.04 64.81
C LYS A 8 55.17 51.74 64.14
N GLN A 9 54.71 52.69 63.32
CA GLN A 9 53.42 52.63 62.64
C GLN A 9 53.51 51.84 61.33
N HIS A 10 54.64 51.95 60.62
CA HIS A 10 54.84 51.22 59.37
C HIS A 10 54.81 49.71 59.58
N ILE A 11 55.36 49.24 60.70
CA ILE A 11 55.37 47.81 61.01
C ILE A 11 53.94 47.27 61.05
N GLU A 12 53.05 48.01 61.68
CA GLU A 12 51.66 47.61 61.83
C GLU A 12 50.89 47.72 60.52
N VAL A 13 51.25 48.69 59.67
CA VAL A 13 50.77 48.71 58.29
C VAL A 13 51.06 47.37 57.61
N LEU A 14 52.33 46.94 57.66
CA LEU A 14 52.71 45.71 56.98
C LEU A 14 52.01 44.48 57.57
N LYS A 15 51.85 44.43 58.89
CA LYS A 15 51.13 43.30 59.48
C LYS A 15 49.69 43.18 58.96
N GLU A 16 48.99 44.32 58.86
CA GLU A 16 47.61 44.26 58.35
C GLU A 16 47.57 43.80 56.89
N SER A 17 48.42 44.42 56.04
CA SER A 17 48.51 44.00 54.64
C SER A 17 48.76 42.51 54.51
N LEU A 18 49.62 41.94 55.37
CA LEU A 18 49.88 40.51 55.34
C LEU A 18 48.60 39.71 55.60
N THR A 19 47.92 39.99 56.72
CA THR A 19 46.70 39.24 57.00
C THR A 19 45.70 39.35 55.85
N ALA A 20 45.56 40.55 55.28
CA ALA A 20 44.58 40.75 54.21
C ALA A 20 44.94 39.94 52.97
N LYS A 21 46.19 40.06 52.49
CA LYS A 21 46.61 39.33 51.30
C LYS A 21 46.50 37.82 51.47
N GLU A 22 46.86 37.30 52.65
CA GLU A 22 46.71 35.87 52.89
C GLU A 22 45.24 35.44 52.83
N GLN A 23 44.34 36.18 53.46
CA GLN A 23 42.92 35.84 53.35
C GLN A 23 42.46 35.89 51.89
N ARG A 24 42.92 36.90 51.15
CA ARG A 24 42.62 37.02 49.72
C ARG A 24 43.07 35.77 48.97
N ALA A 25 44.31 35.33 49.18
CA ALA A 25 44.82 34.17 48.46
C ALA A 25 44.07 32.90 48.84
N ALA A 26 43.68 32.73 50.10
CA ALA A 26 42.91 31.53 50.47
C ALA A 26 41.56 31.50 49.77
N ILE A 27 40.87 32.64 49.72
CA ILE A 27 39.59 32.65 49.01
C ILE A 27 39.83 32.34 47.52
N LEU A 28 40.86 32.98 46.93
CA LEU A 28 41.22 32.74 45.52
C LEU A 28 41.55 31.28 45.25
N GLN A 29 42.20 30.60 46.20
CA GLN A 29 42.48 29.19 46.00
C GLN A 29 41.20 28.36 45.96
N THR A 30 40.24 28.66 46.86
CA THR A 30 39.02 27.85 46.85
C THR A 30 38.19 28.12 45.59
N GLU A 31 38.09 29.40 45.20
CA GLU A 31 37.76 29.83 43.83
C GLU A 31 38.21 28.83 42.79
N VAL A 32 39.54 28.68 42.68
CA VAL A 32 40.17 27.87 41.65
C VAL A 32 39.71 26.42 41.73
N ASP A 33 39.82 25.83 42.92
CA ASP A 33 39.53 24.39 43.02
C ASP A 33 38.06 24.10 42.73
N ALA A 34 37.16 25.02 43.10
CA ALA A 34 35.75 24.93 42.74
C ALA A 34 35.52 25.06 41.24
N LEU A 35 36.20 26.03 40.62
CA LEU A 35 36.03 26.24 39.19
C LEU A 35 36.52 25.04 38.42
N ARG A 36 37.61 24.43 38.91
CA ARG A 36 38.18 23.25 38.26
C ARG A 36 37.26 22.05 38.37
N LEU A 37 36.65 21.84 39.54
CA LEU A 37 35.64 20.80 39.67
C LEU A 37 34.49 21.03 38.68
N ARG A 38 33.92 22.24 38.68
CA ARG A 38 32.79 22.52 37.81
C ARG A 38 33.19 22.35 36.35
N LEU A 39 34.41 22.73 36.03
CA LEU A 39 34.91 22.59 34.68
C LEU A 39 34.95 21.12 34.28
N GLU A 40 35.37 20.26 35.21
CA GLU A 40 35.42 18.82 34.92
C GLU A 40 34.03 18.26 34.70
N GLU A 41 33.07 18.69 35.51
CA GLU A 41 31.69 18.23 35.33
C GLU A 41 31.17 18.65 33.96
N LYS A 42 31.53 19.86 33.52
CA LYS A 42 31.13 20.31 32.20
C LYS A 42 31.79 19.48 31.11
N GLU A 43 33.05 19.11 31.27
CA GLU A 43 33.70 18.27 30.28
C GLU A 43 33.03 16.90 30.17
N THR A 44 32.70 16.26 31.31
CA THR A 44 32.03 14.95 31.21
C THR A 44 30.63 15.08 30.60
N MET A 45 29.84 16.11 30.97
CA MET A 45 28.58 16.30 30.27
C MET A 45 28.83 16.48 28.77
N LEU A 46 29.82 17.29 28.44
CA LEU A 46 30.11 17.55 27.04
C LEU A 46 30.50 16.27 26.30
N ASN A 47 31.33 15.43 26.92
CA ASN A 47 31.71 14.17 26.29
C ASN A 47 30.51 13.28 26.07
N LYS A 48 29.70 13.17 27.11
CA LYS A 48 28.48 12.39 27.10
C LYS A 48 27.56 12.83 25.94
N LYS A 49 27.42 14.15 25.73
CA LYS A 49 26.62 14.66 24.63
C LYS A 49 27.25 14.34 23.28
N THR A 50 28.57 14.46 23.17
CA THR A 50 29.23 14.11 21.91
C THR A 50 29.00 12.66 21.53
N LYS A 51 29.13 11.74 22.50
CA LYS A 51 28.96 10.33 22.23
C LYS A 51 27.52 10.09 21.81
N GLN A 52 26.59 10.73 22.54
CA GLN A 52 25.18 10.67 22.18
C GLN A 52 24.94 11.14 20.73
N ILE A 53 25.61 12.22 20.33
CA ILE A 53 25.46 12.76 18.96
C ILE A 53 25.97 11.77 17.92
N GLN A 54 27.13 11.13 18.15
CA GLN A 54 27.50 10.02 17.27
C GLN A 54 26.45 8.93 17.21
N ASP A 55 25.98 8.47 18.39
CA ASP A 55 24.99 7.39 18.44
C ASP A 55 23.74 7.75 17.65
N MET A 56 23.26 9.00 17.79
CA MET A 56 22.06 9.40 17.07
C MET A 56 22.33 9.56 15.59
N ALA A 57 23.52 10.03 15.21
CA ALA A 57 23.85 10.13 13.78
C ALA A 57 23.92 8.73 13.15
N GLU A 58 24.39 7.73 13.90
CA GLU A 58 24.40 6.38 13.37
C GLU A 58 22.97 5.87 13.22
N GLU A 59 22.16 6.04 14.27
CA GLU A 59 20.75 5.68 14.23
C GLU A 59 20.04 6.38 13.08
N LYS A 60 20.42 7.60 12.76
CA LYS A 60 19.85 8.30 11.60
C LYS A 60 20.28 7.65 10.28
N GLY A 61 21.56 7.32 10.14
CA GLY A 61 22.01 6.66 8.91
C GLY A 61 21.28 5.34 8.68
N THR A 62 21.14 4.54 9.75
CA THR A 62 20.44 3.28 9.59
C THR A 62 18.95 3.49 9.33
N GLN A 63 18.33 4.55 9.89
CA GLN A 63 16.95 4.87 9.54
C GLN A 63 16.82 5.23 8.06
N ALA A 64 17.76 6.01 7.53
CA ALA A 64 17.77 6.32 6.10
C ALA A 64 17.91 5.06 5.26
N GLY A 65 18.79 4.14 5.65
CA GLY A 65 18.93 2.91 4.91
C GLY A 65 17.65 2.07 4.92
N GLU A 66 17.04 1.96 6.10
CA GLU A 66 15.74 1.33 6.22
C GLU A 66 14.74 1.95 5.23
N ILE A 67 14.74 3.29 5.10
CA ILE A 67 13.78 3.93 4.21
C ILE A 67 14.09 3.61 2.74
N HIS A 68 15.39 3.59 2.38
CA HIS A 68 15.79 3.21 1.03
C HIS A 68 15.36 1.79 0.68
N ASP A 69 15.60 0.85 1.60
CA ASP A 69 15.28 -0.55 1.35
C ASP A 69 13.78 -0.76 1.22
N LEU A 70 13.00 -0.05 2.05
CA LEU A 70 11.55 -0.14 1.94
C LEU A 70 11.06 0.41 0.61
N LYS A 71 11.65 1.51 0.10
CA LYS A 71 11.23 2.00 -1.22
C LYS A 71 11.52 0.99 -2.33
N ASP A 72 12.71 0.37 -2.31
CA ASP A 72 12.98 -0.67 -3.31
C ASP A 72 11.94 -1.79 -3.25
N MET A 73 11.63 -2.26 -2.04
CA MET A 73 10.67 -3.36 -1.93
C MET A 73 9.28 -2.98 -2.48
N LEU A 74 8.86 -1.73 -2.24
CA LEU A 74 7.60 -1.27 -2.81
C LEU A 74 7.67 -1.22 -4.33
N ASP A 75 8.84 -0.88 -4.89
CA ASP A 75 9.00 -0.94 -6.33
C ASP A 75 8.83 -2.36 -6.86
N VAL A 76 9.42 -3.33 -6.17
CA VAL A 76 9.32 -4.71 -6.65
C VAL A 76 7.86 -5.15 -6.64
N LYS A 77 7.14 -4.82 -5.57
CA LYS A 77 5.72 -5.18 -5.56
C LYS A 77 4.95 -4.41 -6.63
N GLU A 78 5.36 -3.18 -6.94
CA GLU A 78 4.68 -2.44 -8.00
C GLU A 78 4.88 -3.07 -9.37
N ARG A 79 6.09 -3.54 -9.66
CA ARG A 79 6.33 -4.26 -10.90
C ARG A 79 5.42 -5.47 -10.99
N LYS A 80 5.39 -6.27 -9.91
CA LYS A 80 4.53 -7.46 -9.88
C LYS A 80 3.06 -7.08 -10.12
N VAL A 81 2.60 -6.01 -9.46
CA VAL A 81 1.25 -5.52 -9.71
C VAL A 81 1.03 -5.25 -11.18
N ASN A 82 1.98 -4.58 -11.82
CA ASN A 82 1.72 -4.19 -13.20
C ASN A 82 1.62 -5.40 -14.10
N VAL A 83 2.48 -6.39 -13.84
CA VAL A 83 2.42 -7.61 -14.63
C VAL A 83 1.05 -8.27 -14.46
N LEU A 84 0.58 -8.35 -13.21
CA LEU A 84 -0.73 -8.96 -12.98
C LEU A 84 -1.83 -8.16 -13.65
N GLN A 85 -1.71 -6.83 -13.64
CA GLN A 85 -2.73 -6.02 -14.29
C GLN A 85 -2.82 -6.35 -15.78
N LYS A 86 -1.66 -6.53 -16.43
CA LYS A 86 -1.73 -6.86 -17.85
C LYS A 86 -2.32 -8.24 -18.06
N LYS A 87 -2.00 -9.19 -17.19
CA LYS A 87 -2.63 -10.51 -17.35
C LYS A 87 -4.15 -10.42 -17.26
N ILE A 88 -4.66 -9.64 -16.30
CA ILE A 88 -6.10 -9.44 -16.16
C ILE A 88 -6.68 -8.83 -17.44
N GLU A 89 -5.98 -7.86 -18.04
CA GLU A 89 -6.49 -7.22 -19.26
C GLU A 89 -6.58 -8.23 -20.42
N ASN A 90 -5.50 -9.01 -20.60
CA ASN A 90 -5.50 -10.04 -21.64
C ASN A 90 -6.66 -11.02 -21.43
N LEU A 91 -6.84 -11.51 -20.20
CA LEU A 91 -7.95 -12.44 -19.98
C LEU A 91 -9.29 -11.77 -20.23
N GLN A 92 -9.42 -10.47 -19.93
CA GLN A 92 -10.69 -9.82 -20.17
C GLN A 92 -11.01 -9.76 -21.66
N GLU A 93 -9.99 -9.51 -22.48
CA GLU A 93 -10.18 -9.58 -23.93
C GLU A 93 -10.55 -10.99 -24.36
N GLN A 94 -9.85 -11.99 -23.82
CA GLN A 94 -10.22 -13.37 -24.14
C GLN A 94 -11.69 -13.63 -23.84
N LEU A 95 -12.17 -13.14 -22.70
CA LEU A 95 -13.56 -13.33 -22.31
C LEU A 95 -14.49 -12.61 -23.27
N ARG A 96 -14.12 -11.40 -23.68
CA ARG A 96 -14.93 -10.67 -24.64
C ARG A 96 -15.11 -11.47 -25.94
N ASP A 97 -14.02 -12.03 -26.44
CA ASP A 97 -14.14 -12.78 -27.70
C ASP A 97 -14.95 -14.06 -27.51
N LYS A 98 -14.79 -14.76 -26.36
CA LYS A 98 -15.59 -15.97 -26.11
C LYS A 98 -17.06 -15.64 -25.98
N GLU A 99 -17.40 -14.54 -25.31
CA GLU A 99 -18.80 -14.18 -25.15
C GLU A 99 -19.41 -13.84 -26.49
N LYS A 100 -18.65 -13.21 -27.39
CA LYS A 100 -19.20 -12.98 -28.73
C LYS A 100 -19.45 -14.30 -29.44
N GLN A 101 -18.44 -15.19 -29.50
CA GLN A 101 -18.67 -16.49 -30.15
C GLN A 101 -19.87 -17.24 -29.56
N MET A 102 -20.01 -17.23 -28.23
CA MET A 102 -21.14 -17.93 -27.62
C MET A 102 -22.45 -17.27 -28.00
N SER A 103 -22.47 -15.95 -28.12
CA SER A 103 -23.66 -15.29 -28.65
C SER A 103 -23.99 -15.75 -30.06
N SER A 104 -22.97 -15.89 -30.91
CA SER A 104 -23.19 -16.36 -32.28
C SER A 104 -23.76 -17.77 -32.30
N LEU A 105 -23.24 -18.65 -31.44
CA LEU A 105 -23.75 -20.02 -31.35
C LEU A 105 -25.17 -20.06 -30.81
N LYS A 106 -25.47 -19.23 -29.82
CA LYS A 106 -26.81 -19.22 -29.26
C LYS A 106 -27.84 -18.73 -30.27
N GLU A 107 -27.49 -17.69 -31.05
CA GLU A 107 -28.38 -17.23 -32.12
C GLU A 107 -28.54 -18.29 -33.21
N ARG A 108 -27.46 -19.00 -33.56
CA ARG A 108 -27.63 -20.12 -34.48
C ARG A 108 -28.62 -21.13 -33.92
N VAL A 109 -28.52 -21.43 -32.62
CA VAL A 109 -29.46 -22.38 -32.04
C VAL A 109 -30.87 -21.86 -32.18
N LYS A 110 -31.10 -20.59 -31.83
CA LYS A 110 -32.45 -20.07 -31.97
C LYS A 110 -32.99 -20.19 -33.40
N SER A 111 -32.14 -19.99 -34.40
CA SER A 111 -32.62 -20.22 -35.76
C SER A 111 -32.97 -21.68 -35.94
N LEU A 112 -32.11 -22.57 -35.43
CA LEU A 112 -32.36 -24.00 -35.55
C LEU A 112 -33.49 -24.42 -34.61
N GLN A 113 -33.50 -23.82 -33.40
CA GLN A 113 -34.45 -24.20 -32.34
C GLN A 113 -35.86 -24.07 -32.84
N ALA A 114 -36.09 -23.20 -33.83
CA ALA A 114 -37.42 -22.92 -34.31
C ALA A 114 -37.80 -24.04 -35.27
N ASP A 115 -38.10 -25.18 -34.65
CA ASP A 115 -38.69 -26.34 -35.28
C ASP A 115 -40.20 -26.10 -35.37
N THR A 116 -40.56 -25.20 -36.29
CA THR A 116 -41.95 -24.97 -36.69
C THR A 116 -42.45 -26.12 -37.55
N THR A 117 -41.54 -27.01 -37.94
CA THR A 117 -41.83 -28.24 -38.68
C THR A 117 -42.85 -29.10 -37.94
N ASN A 118 -43.11 -28.79 -36.65
CA ASN A 118 -44.09 -29.48 -35.82
C ASN A 118 -45.50 -29.25 -36.27
N THR A 119 -45.73 -28.49 -37.35
CA THR A 119 -47.03 -28.48 -38.00
C THR A 119 -47.32 -29.80 -38.67
N ASP A 120 -46.45 -30.79 -38.51
CA ASP A 120 -46.77 -32.15 -38.89
C ASP A 120 -48.15 -32.45 -38.35
N THR A 121 -48.36 -32.05 -37.09
CA THR A 121 -49.65 -32.23 -36.44
C THR A 121 -50.75 -31.47 -37.17
N ALA A 122 -50.46 -30.26 -37.65
CA ALA A 122 -51.44 -29.53 -38.45
C ALA A 122 -51.87 -30.32 -39.69
N LEU A 123 -50.89 -30.85 -40.43
CA LEU A 123 -51.19 -31.66 -41.60
C LEU A 123 -52.02 -32.89 -41.24
N THR A 124 -51.62 -33.60 -40.19
CA THR A 124 -52.33 -34.81 -39.82
C THR A 124 -53.77 -34.49 -39.41
N THR A 125 -53.94 -33.56 -38.47
CA THR A 125 -55.29 -33.24 -38.02
C THR A 125 -56.16 -32.78 -39.19
N LEU A 126 -55.58 -32.02 -40.13
CA LEU A 126 -56.36 -31.65 -41.30
C LEU A 126 -56.74 -32.86 -42.14
N GLU A 127 -55.84 -33.84 -42.29
CA GLU A 127 -56.20 -35.07 -43.00
C GLU A 127 -57.36 -35.81 -42.36
N GLU A 128 -57.43 -35.86 -41.04
CA GLU A 128 -58.57 -36.60 -40.49
C GLU A 128 -59.85 -35.75 -40.48
N ALA A 129 -59.74 -34.42 -40.41
CA ALA A 129 -60.92 -33.59 -40.65
C ALA A 129 -61.46 -33.75 -42.08
N LEU A 130 -60.58 -33.76 -43.09
CA LEU A 130 -61.06 -33.92 -44.47
C LEU A 130 -61.52 -35.36 -44.76
N ALA A 131 -60.87 -36.38 -44.19
CA ALA A 131 -61.41 -37.73 -44.32
C ALA A 131 -62.80 -37.82 -43.69
N ASP A 132 -63.00 -37.17 -42.54
CA ASP A 132 -64.34 -37.04 -41.98
C ASP A 132 -65.31 -36.41 -42.96
N LYS A 133 -64.86 -35.35 -43.63
CA LYS A 133 -65.73 -34.65 -44.56
C LYS A 133 -66.18 -35.56 -45.68
N GLU A 134 -65.24 -36.23 -46.35
CA GLU A 134 -65.73 -37.08 -47.43
C GLU A 134 -66.39 -38.36 -46.93
N ARG A 135 -66.15 -38.79 -45.67
CA ARG A 135 -66.95 -39.88 -45.11
C ARG A 135 -68.42 -39.47 -44.95
N THR A 136 -68.65 -38.26 -44.41
CA THR A 136 -70.02 -37.77 -44.29
C THR A 136 -70.66 -37.54 -45.67
N ILE A 137 -69.86 -37.14 -46.67
CA ILE A 137 -70.39 -36.87 -48.00
C ILE A 137 -70.65 -38.15 -48.78
N GLU A 138 -69.83 -39.19 -48.58
CA GLU A 138 -70.22 -40.48 -49.15
C GLU A 138 -71.47 -40.99 -48.45
N ARG A 139 -71.66 -40.61 -47.17
CA ARG A 139 -72.88 -40.93 -46.43
C ARG A 139 -74.11 -40.32 -47.11
N LEU A 140 -73.99 -39.07 -47.58
CA LEU A 140 -75.10 -38.46 -48.31
C LEU A 140 -75.02 -38.86 -49.80
N ASP B 6 67.88 45.76 62.14
CA ASP B 6 67.18 45.43 63.38
C ASP B 6 65.67 45.43 63.11
N SER B 7 64.97 46.46 63.60
CA SER B 7 63.67 46.79 63.04
C SER B 7 63.78 47.02 61.55
N LYS B 8 64.93 47.55 61.11
CA LYS B 8 65.19 47.86 59.70
C LYS B 8 65.14 46.59 58.84
N GLN B 9 65.75 45.51 59.35
CA GLN B 9 65.77 44.22 58.67
C GLN B 9 64.44 43.49 58.86
N HIS B 10 63.78 43.72 60.00
CA HIS B 10 62.44 43.19 60.22
C HIS B 10 61.45 43.75 59.19
N ILE B 11 61.53 45.05 58.94
CA ILE B 11 60.72 45.69 57.93
C ILE B 11 61.04 45.11 56.56
N GLU B 12 62.32 44.87 56.28
CA GLU B 12 62.63 44.33 54.95
C GLU B 12 62.11 42.90 54.78
N VAL B 13 62.18 42.08 55.83
CA VAL B 13 61.54 40.76 55.82
C VAL B 13 60.04 40.88 55.54
N LEU B 14 59.35 41.76 56.28
CA LEU B 14 57.91 41.89 56.09
C LEU B 14 57.55 42.45 54.70
N LYS B 15 58.34 43.40 54.19
CA LYS B 15 58.15 43.88 52.82
C LYS B 15 58.25 42.74 51.81
N GLU B 16 59.21 41.84 52.02
CA GLU B 16 59.30 40.68 51.13
C GLU B 16 58.08 39.80 51.24
N SER B 17 57.70 39.45 52.46
CA SER B 17 56.51 38.63 52.63
C SER B 17 55.32 39.21 51.87
N LEU B 18 55.15 40.54 51.89
CA LEU B 18 54.15 41.22 51.06
C LEU B 18 54.33 40.97 49.58
N THR B 19 55.53 41.24 49.05
CA THR B 19 55.77 41.02 47.62
C THR B 19 55.38 39.60 47.22
N ALA B 20 55.75 38.63 48.04
CA ALA B 20 55.46 37.23 47.79
C ALA B 20 53.96 36.98 47.81
N LYS B 21 53.26 37.52 48.81
CA LYS B 21 51.82 37.32 48.88
C LYS B 21 51.10 37.95 47.69
N GLU B 22 51.54 39.13 47.23
CA GLU B 22 50.96 39.64 45.99
C GLU B 22 51.23 38.70 44.82
N GLN B 23 52.47 38.24 44.68
CA GLN B 23 52.77 37.37 43.55
C GLN B 23 51.85 36.14 43.57
N ARG B 24 51.67 35.51 44.74
CA ARG B 24 50.71 34.41 44.81
C ARG B 24 49.31 34.85 44.40
N ALA B 25 48.79 35.93 45.00
CA ALA B 25 47.41 36.30 44.76
C ALA B 25 47.16 36.70 43.30
N ALA B 26 48.12 37.40 42.69
CA ALA B 26 48.00 37.75 41.28
C ALA B 26 47.98 36.51 40.40
N ILE B 27 48.84 35.52 40.70
CA ILE B 27 48.81 34.28 39.92
C ILE B 27 47.45 33.61 40.06
N LEU B 28 46.94 33.53 41.29
CA LEU B 28 45.63 32.93 41.52
C LEU B 28 44.54 33.68 40.77
N GLN B 29 44.60 35.01 40.75
CA GLN B 29 43.57 35.80 40.09
C GLN B 29 43.54 35.46 38.61
N THR B 30 44.73 35.31 38.02
CA THR B 30 44.80 34.95 36.60
C THR B 30 44.27 33.54 36.37
N GLU B 31 44.59 32.60 37.26
CA GLU B 31 43.97 31.27 37.12
C GLU B 31 42.45 31.41 37.07
N VAL B 32 41.88 32.14 38.03
CA VAL B 32 40.43 32.23 38.17
C VAL B 32 39.79 32.78 36.92
N ASP B 33 40.25 33.95 36.45
CA ASP B 33 39.55 34.52 35.28
C ASP B 33 39.81 33.71 34.00
N ALA B 34 40.96 33.04 33.87
CA ALA B 34 41.12 32.09 32.77
C ALA B 34 40.12 30.94 32.91
N LEU B 35 39.93 30.45 34.13
CA LEU B 35 38.99 29.36 34.38
C LEU B 35 37.58 29.79 34.09
N ARG B 36 37.28 31.07 34.34
CA ARG B 36 35.97 31.59 33.97
C ARG B 36 35.80 31.62 32.45
N LEU B 37 36.87 31.96 31.70
CA LEU B 37 36.81 31.81 30.24
C LEU B 37 36.42 30.40 29.84
N ARG B 38 37.19 29.41 30.32
CA ARG B 38 36.96 28.04 29.87
C ARG B 38 35.54 27.60 30.21
N LEU B 39 35.02 27.96 31.40
CA LEU B 39 33.64 27.61 31.75
C LEU B 39 32.60 28.22 30.82
N GLU B 40 32.75 29.50 30.44
CA GLU B 40 31.78 30.10 29.53
C GLU B 40 31.84 29.50 28.12
N GLU B 41 33.05 29.22 27.62
CA GLU B 41 33.15 28.55 26.32
C GLU B 41 32.47 27.19 26.36
N LYS B 42 32.65 26.44 27.46
CA LYS B 42 31.99 25.16 27.58
C LYS B 42 30.48 25.30 27.73
N GLU B 43 30.02 26.31 28.45
CA GLU B 43 28.58 26.51 28.54
C GLU B 43 27.99 26.69 27.14
N THR B 44 28.66 27.50 26.31
CA THR B 44 28.20 27.72 24.94
C THR B 44 28.24 26.43 24.12
N MET B 45 29.33 25.66 24.24
CA MET B 45 29.40 24.38 23.55
C MET B 45 28.30 23.44 24.00
N LEU B 46 28.07 23.33 25.32
CA LEU B 46 27.04 22.44 25.81
C LEU B 46 25.71 22.85 25.21
N ASN B 47 25.49 24.15 25.10
CA ASN B 47 24.26 24.65 24.51
C ASN B 47 24.13 24.20 23.06
N LYS B 48 25.20 24.39 22.26
CA LYS B 48 25.19 23.93 20.87
C LYS B 48 24.86 22.44 20.76
N LYS B 49 25.46 21.62 21.64
CA LYS B 49 25.23 20.18 21.59
C LYS B 49 23.78 19.84 21.93
N THR B 50 23.26 20.45 22.99
CA THR B 50 21.86 20.23 23.36
C THR B 50 20.94 20.54 22.18
N LYS B 51 21.26 21.59 21.44
CA LYS B 51 20.40 21.98 20.32
C LYS B 51 20.50 20.98 19.17
N GLN B 52 21.71 20.52 18.84
CA GLN B 52 21.86 19.48 17.83
C GLN B 52 21.08 18.22 18.22
N ILE B 53 21.19 17.81 19.47
CA ILE B 53 20.47 16.61 19.90
C ILE B 53 18.97 16.82 19.77
N GLN B 54 18.50 18.02 20.12
CA GLN B 54 17.08 18.35 19.96
C GLN B 54 16.63 18.18 18.50
N ASP B 55 17.33 18.84 17.57
CA ASP B 55 17.00 18.73 16.16
C ASP B 55 17.04 17.29 15.69
N MET B 56 18.07 16.56 16.13
CA MET B 56 18.26 15.19 15.66
C MET B 56 17.18 14.26 16.19
N ALA B 57 16.71 14.49 17.42
CA ALA B 57 15.57 13.71 17.93
C ALA B 57 14.31 13.96 17.11
N GLU B 58 14.10 15.19 16.63
CA GLU B 58 12.95 15.44 15.77
C GLU B 58 13.09 14.77 14.42
N GLU B 59 14.25 14.89 13.76
CA GLU B 59 14.47 14.15 12.51
C GLU B 59 14.21 12.66 12.73
N LYS B 60 14.60 12.14 13.88
CA LYS B 60 14.39 10.73 14.18
C LYS B 60 12.90 10.40 14.27
N GLY B 61 12.14 11.26 14.94
CA GLY B 61 10.70 11.04 15.04
C GLY B 61 10.02 10.96 13.68
N THR B 62 10.33 11.93 12.80
CA THR B 62 9.68 11.94 11.48
C THR B 62 10.17 10.81 10.59
N GLN B 63 11.45 10.46 10.68
CA GLN B 63 11.88 9.31 9.88
C GLN B 63 11.25 8.02 10.37
N ALA B 64 11.04 7.90 11.70
CA ALA B 64 10.26 6.78 12.22
C ALA B 64 8.83 6.80 11.67
N GLY B 65 8.23 7.98 11.52
CA GLY B 65 6.90 8.05 10.93
C GLY B 65 6.86 7.57 9.49
N GLU B 66 7.79 8.09 8.67
CA GLU B 66 7.95 7.59 7.30
C GLU B 66 8.11 6.07 7.28
N ILE B 67 8.85 5.52 8.23
CA ILE B 67 9.12 4.09 8.21
C ILE B 67 7.86 3.29 8.52
N HIS B 68 7.09 3.74 9.50
CA HIS B 68 5.81 3.12 9.77
C HIS B 68 4.92 3.15 8.53
N ASP B 69 4.91 4.29 7.81
CA ASP B 69 4.07 4.44 6.60
C ASP B 69 4.50 3.52 5.46
N LEU B 70 5.81 3.37 5.20
CA LEU B 70 6.24 2.42 4.16
C LEU B 70 5.94 0.98 4.57
N LYS B 71 6.11 0.64 5.85
CA LYS B 71 5.75 -0.70 6.31
C LYS B 71 4.25 -0.99 6.07
N ASP B 72 3.39 -0.02 6.40
CA ASP B 72 1.97 -0.15 6.10
C ASP B 72 1.71 -0.31 4.60
N MET B 73 2.37 0.51 3.77
CA MET B 73 2.16 0.38 2.33
C MET B 73 2.59 -0.97 1.80
N LEU B 74 3.67 -1.54 2.34
CA LEU B 74 3.98 -2.90 1.89
C LEU B 74 2.90 -3.88 2.31
N ASP B 75 2.33 -3.72 3.51
CA ASP B 75 1.22 -4.59 3.88
C ASP B 75 0.07 -4.45 2.87
N VAL B 76 -0.31 -3.20 2.59
CA VAL B 76 -1.45 -2.95 1.70
C VAL B 76 -1.14 -3.41 0.25
N LYS B 77 0.07 -3.14 -0.25
CA LYS B 77 0.44 -3.57 -1.60
C LYS B 77 0.49 -5.08 -1.71
N GLU B 78 0.89 -5.78 -0.64
CA GLU B 78 0.80 -7.25 -0.66
C GLU B 78 -0.64 -7.72 -0.74
N ARG B 79 -1.54 -7.01 -0.04
CA ARG B 79 -2.97 -7.28 -0.19
C ARG B 79 -3.39 -7.11 -1.66
N LYS B 80 -2.95 -6.01 -2.28
CA LYS B 80 -3.29 -5.77 -3.68
C LYS B 80 -2.80 -6.90 -4.56
N VAL B 81 -1.55 -7.33 -4.37
CA VAL B 81 -1.01 -8.41 -5.20
C VAL B 81 -1.87 -9.67 -5.06
N ASN B 82 -2.20 -10.05 -3.84
CA ASN B 82 -2.97 -11.28 -3.67
C ASN B 82 -4.37 -11.13 -4.27
N VAL B 83 -4.97 -9.93 -4.16
CA VAL B 83 -6.29 -9.73 -4.75
C VAL B 83 -6.22 -9.87 -6.26
N LEU B 84 -5.21 -9.29 -6.88
CA LEU B 84 -5.05 -9.44 -8.33
C LEU B 84 -4.88 -10.91 -8.70
N GLN B 85 -4.18 -11.68 -7.84
CA GLN B 85 -4.02 -13.10 -8.11
C GLN B 85 -5.37 -13.82 -8.12
N LYS B 86 -6.22 -13.51 -7.14
CA LYS B 86 -7.53 -14.16 -7.08
C LYS B 86 -8.37 -13.70 -8.25
N LYS B 87 -8.24 -12.43 -8.64
CA LYS B 87 -8.94 -11.95 -9.84
C LYS B 87 -8.58 -12.81 -11.03
N ILE B 88 -7.27 -13.04 -11.23
CA ILE B 88 -6.81 -13.86 -12.34
C ILE B 88 -7.40 -15.25 -12.26
N GLU B 89 -7.35 -15.86 -11.08
CA GLU B 89 -7.86 -17.23 -10.97
C GLU B 89 -9.34 -17.28 -11.31
N ASN B 90 -10.08 -16.28 -10.83
CA ASN B 90 -11.51 -16.15 -11.13
C ASN B 90 -11.75 -16.05 -12.63
N LEU B 91 -11.00 -15.17 -13.31
CA LEU B 91 -11.21 -14.97 -14.75
C LEU B 91 -10.89 -16.24 -15.51
N GLN B 92 -9.89 -16.97 -15.05
CA GLN B 92 -9.55 -18.24 -15.69
C GLN B 92 -10.66 -19.28 -15.52
N GLU B 93 -11.26 -19.39 -14.31
CA GLU B 93 -12.48 -20.21 -14.20
C GLU B 93 -13.57 -19.73 -15.16
N GLN B 94 -13.75 -18.42 -15.28
CA GLN B 94 -14.76 -17.88 -16.18
C GLN B 94 -14.56 -18.38 -17.59
N LEU B 95 -13.31 -18.37 -18.07
CA LEU B 95 -13.01 -18.84 -19.42
C LEU B 95 -13.27 -20.33 -19.56
N ARG B 96 -12.87 -21.11 -18.57
CA ARG B 96 -13.17 -22.55 -18.59
C ARG B 96 -14.68 -22.79 -18.69
N ASP B 97 -15.47 -22.02 -17.95
CA ASP B 97 -16.92 -22.18 -17.97
C ASP B 97 -17.50 -21.78 -19.32
N LYS B 98 -16.98 -20.71 -19.94
CA LYS B 98 -17.48 -20.34 -21.26
C LYS B 98 -17.21 -21.45 -22.25
N GLU B 99 -16.04 -22.04 -22.13
CA GLU B 99 -15.60 -23.08 -23.04
C GLU B 99 -16.40 -24.39 -22.86
N LYS B 100 -16.78 -24.69 -21.62
CA LYS B 100 -17.73 -25.78 -21.42
C LYS B 100 -19.07 -25.45 -22.06
N GLN B 101 -19.60 -24.25 -21.78
CA GLN B 101 -20.90 -23.83 -22.32
C GLN B 101 -20.93 -23.97 -23.82
N MET B 102 -19.84 -23.57 -24.47
CA MET B 102 -19.75 -23.69 -25.92
C MET B 102 -19.66 -25.14 -26.40
N SER B 103 -18.98 -26.03 -25.66
CA SER B 103 -19.03 -27.45 -26.04
C SER B 103 -20.48 -27.95 -26.06
N SER B 104 -21.23 -27.60 -25.01
CA SER B 104 -22.64 -28.00 -24.97
C SER B 104 -23.44 -27.35 -26.10
N LEU B 105 -23.16 -26.09 -26.39
CA LEU B 105 -23.87 -25.40 -27.47
C LEU B 105 -23.56 -26.04 -28.83
N LYS B 106 -22.34 -26.51 -29.03
CA LYS B 106 -22.00 -27.20 -30.27
C LYS B 106 -22.72 -28.55 -30.38
N GLU B 107 -22.77 -29.34 -29.29
CA GLU B 107 -23.55 -30.58 -29.32
C GLU B 107 -25.04 -30.34 -29.52
N ARG B 108 -25.58 -29.28 -28.97
CA ARG B 108 -26.97 -28.95 -29.22
C ARG B 108 -27.22 -28.78 -30.72
N VAL B 109 -26.33 -28.06 -31.39
CA VAL B 109 -26.46 -27.80 -32.82
C VAL B 109 -26.41 -29.10 -33.61
N LYS B 110 -25.57 -30.05 -33.18
CA LYS B 110 -25.49 -31.35 -33.87
C LYS B 110 -26.87 -31.97 -34.07
N SER B 111 -27.80 -31.77 -33.13
CA SER B 111 -29.16 -32.29 -33.24
C SER B 111 -29.91 -31.54 -34.34
N LEU B 112 -30.06 -32.21 -35.50
CA LEU B 112 -30.68 -31.67 -36.72
C LEU B 112 -31.28 -32.83 -37.53
N GLN B 113 -32.37 -32.55 -38.26
CA GLN B 113 -33.13 -33.59 -38.95
C GLN B 113 -33.60 -33.14 -40.34
N ALA B 114 -33.00 -33.72 -41.38
CA ALA B 114 -33.46 -33.54 -42.76
C ALA B 114 -34.54 -34.54 -43.13
N ASP B 115 -34.85 -35.50 -42.24
CA ASP B 115 -35.93 -36.46 -42.44
C ASP B 115 -37.32 -35.92 -42.15
N THR B 116 -37.46 -34.83 -41.39
CA THR B 116 -38.81 -34.33 -41.19
C THR B 116 -39.39 -33.57 -42.39
N THR B 117 -38.57 -33.04 -43.30
CA THR B 117 -39.11 -32.38 -44.50
C THR B 117 -39.75 -33.39 -45.45
N ASN B 118 -39.31 -34.64 -45.37
CA ASN B 118 -39.78 -35.68 -46.27
C ASN B 118 -41.20 -36.08 -45.96
N THR B 119 -41.50 -36.27 -44.69
CA THR B 119 -42.87 -36.51 -44.25
C THR B 119 -43.75 -35.31 -44.52
N ASP B 120 -43.21 -34.12 -44.34
CA ASP B 120 -43.93 -32.89 -44.66
C ASP B 120 -44.44 -32.90 -46.09
N THR B 121 -43.56 -33.17 -47.07
CA THR B 121 -44.02 -33.15 -48.46
C THR B 121 -44.98 -34.30 -48.77
N ALA B 122 -44.69 -35.53 -48.28
CA ALA B 122 -45.61 -36.63 -48.51
C ALA B 122 -47.01 -36.33 -47.98
N LEU B 123 -47.08 -35.88 -46.72
CA LEU B 123 -48.35 -35.50 -46.10
C LEU B 123 -49.03 -34.39 -46.86
N THR B 124 -48.26 -33.39 -47.31
CA THR B 124 -48.85 -32.26 -48.03
C THR B 124 -49.54 -32.75 -49.31
N THR B 125 -48.83 -33.54 -50.12
CA THR B 125 -49.41 -34.00 -51.37
C THR B 125 -50.64 -34.84 -51.10
N LEU B 126 -50.59 -35.68 -50.06
CA LEU B 126 -51.76 -36.52 -49.77
C LEU B 126 -52.96 -35.73 -49.27
N GLU B 127 -52.72 -34.67 -48.50
CA GLU B 127 -53.85 -33.82 -48.14
C GLU B 127 -54.48 -33.21 -49.39
N GLU B 128 -53.66 -32.80 -50.34
CA GLU B 128 -54.26 -32.16 -51.51
C GLU B 128 -54.79 -33.19 -52.52
N ALA B 129 -54.27 -34.42 -52.50
CA ALA B 129 -54.92 -35.54 -53.19
C ALA B 129 -56.29 -35.83 -52.59
N LEU B 130 -56.41 -35.74 -51.27
CA LEU B 130 -57.71 -35.84 -50.64
C LEU B 130 -58.61 -34.68 -51.03
N ALA B 131 -58.04 -33.48 -51.18
CA ALA B 131 -58.83 -32.36 -51.69
C ALA B 131 -59.33 -32.62 -53.11
N ASP B 132 -58.48 -33.18 -53.97
CA ASP B 132 -58.92 -33.60 -55.31
C ASP B 132 -60.10 -34.56 -55.24
N LYS B 133 -60.00 -35.54 -54.36
CA LYS B 133 -61.08 -36.51 -54.18
C LYS B 133 -62.36 -35.81 -53.69
N GLU B 134 -62.22 -34.82 -52.79
CA GLU B 134 -63.40 -34.10 -52.31
C GLU B 134 -64.01 -33.24 -53.40
N ARG B 135 -63.20 -32.68 -54.28
CA ARG B 135 -63.77 -31.91 -55.39
C ARG B 135 -64.57 -32.80 -56.32
N THR B 136 -64.04 -33.99 -56.66
CA THR B 136 -64.76 -34.89 -57.55
C THR B 136 -66.03 -35.44 -56.91
N ILE B 137 -66.05 -35.65 -55.60
CA ILE B 137 -67.29 -36.04 -54.94
C ILE B 137 -68.23 -34.85 -54.71
N GLU B 138 -67.72 -33.61 -54.65
CA GLU B 138 -68.61 -32.44 -54.63
C GLU B 138 -69.34 -32.28 -55.96
N ARG B 139 -68.66 -32.67 -57.04
CA ARG B 139 -69.19 -32.48 -58.38
C ARG B 139 -70.56 -33.11 -58.58
N LEU B 140 -70.83 -34.26 -57.94
CA LEU B 140 -72.13 -34.88 -58.21
C LEU B 140 -73.19 -34.21 -57.32
N ILE C 12 -33.09 -35.58 -26.60
CA ILE C 12 -32.26 -35.58 -25.41
C ILE C 12 -31.59 -34.21 -25.24
N LEU C 13 -32.18 -33.21 -25.91
CA LEU C 13 -31.59 -31.86 -25.93
C LEU C 13 -31.80 -31.16 -24.59
N GLN C 14 -32.90 -31.49 -23.90
CA GLN C 14 -33.18 -30.94 -22.57
C GLN C 14 -32.05 -31.22 -21.60
N ASP C 15 -31.38 -32.37 -21.75
CA ASP C 15 -30.20 -32.67 -20.95
C ASP C 15 -29.11 -31.63 -21.17
N ILE C 16 -28.77 -31.37 -22.44
CA ILE C 16 -27.80 -30.32 -22.77
C ILE C 16 -28.23 -28.99 -22.16
N ASP C 17 -29.54 -28.74 -22.08
CA ASP C 17 -30.02 -27.49 -21.50
C ASP C 17 -29.73 -27.41 -20.01
N ARG C 18 -30.04 -28.48 -19.27
CA ARG C 18 -29.78 -28.45 -17.83
C ARG C 18 -28.28 -28.35 -17.55
N GLU C 19 -27.44 -28.91 -18.44
CA GLU C 19 -26.00 -28.72 -18.32
C GLU C 19 -25.60 -27.26 -18.54
N LEU C 20 -26.18 -26.61 -19.55
CA LEU C 20 -25.94 -25.19 -19.76
C LEU C 20 -26.40 -24.35 -18.56
N ASP C 21 -27.58 -24.68 -18.01
CA ASP C 21 -28.09 -23.96 -16.85
C ASP C 21 -27.17 -24.11 -15.64
N LEU C 22 -26.59 -25.31 -15.45
CA LEU C 22 -25.68 -25.56 -14.34
C LEU C 22 -24.43 -24.68 -14.47
N VAL C 23 -23.83 -24.68 -15.68
CA VAL C 23 -22.61 -23.90 -15.92
C VAL C 23 -22.88 -22.39 -15.86
N GLU C 24 -24.09 -21.96 -16.25
CA GLU C 24 -24.42 -20.54 -16.18
C GLU C 24 -24.61 -20.07 -14.74
N ARG C 25 -25.24 -20.90 -13.89
CA ARG C 25 -25.22 -20.63 -12.47
C ARG C 25 -23.81 -20.41 -11.97
N GLU C 26 -22.89 -21.31 -12.34
CA GLU C 26 -21.52 -21.19 -11.84
C GLU C 26 -20.86 -19.89 -12.32
N SER C 27 -21.09 -19.51 -13.59
CA SER C 27 -20.42 -18.31 -14.11
C SER C 27 -21.02 -17.02 -13.54
N ALA C 28 -22.34 -16.99 -13.31
CA ALA C 28 -22.93 -15.90 -12.54
C ALA C 28 -22.28 -15.75 -11.16
N LYS C 29 -22.07 -16.88 -10.46
CA LYS C 29 -21.39 -16.80 -9.17
C LYS C 29 -19.98 -16.20 -9.31
N LEU C 30 -19.24 -16.62 -10.32
CA LEU C 30 -17.87 -16.13 -10.51
C LEU C 30 -17.87 -14.64 -10.81
N ARG C 31 -18.84 -14.16 -11.60
CA ARG C 31 -18.94 -12.73 -11.84
C ARG C 31 -19.19 -11.96 -10.55
N LYS C 32 -20.05 -12.50 -9.68
CA LYS C 32 -20.31 -11.83 -8.41
C LYS C 32 -19.07 -11.81 -7.50
N LYS C 33 -18.38 -12.95 -7.37
CA LYS C 33 -17.08 -12.97 -6.70
C LYS C 33 -16.12 -11.95 -7.31
N GLN C 34 -16.12 -11.83 -8.63
CA GLN C 34 -15.25 -10.90 -9.29
C GLN C 34 -15.52 -9.48 -8.82
N ALA C 35 -16.81 -9.10 -8.78
CA ALA C 35 -17.14 -7.71 -8.45
C ALA C 35 -16.83 -7.40 -6.99
N GLU C 36 -17.00 -8.41 -6.12
CA GLU C 36 -16.49 -8.29 -4.77
C GLU C 36 -15.01 -7.96 -4.78
N LEU C 37 -14.21 -8.81 -5.44
CA LEU C 37 -12.76 -8.62 -5.41
C LEU C 37 -12.37 -7.24 -5.93
N ASP C 38 -13.05 -6.76 -6.96
CA ASP C 38 -12.79 -5.41 -7.48
C ASP C 38 -13.11 -4.33 -6.42
N GLU C 39 -14.19 -4.51 -5.65
CA GLU C 39 -14.43 -3.60 -4.53
C GLU C 39 -13.28 -3.67 -3.52
N GLU C 40 -12.69 -4.85 -3.36
CA GLU C 40 -11.59 -4.94 -2.42
C GLU C 40 -10.34 -4.23 -2.95
N GLU C 41 -10.13 -4.26 -4.27
CA GLU C 41 -9.00 -3.51 -4.83
C GLU C 41 -9.23 -2.00 -4.74
N LYS C 42 -10.48 -1.55 -4.93
CA LYS C 42 -10.79 -0.13 -4.75
C LYS C 42 -10.49 0.34 -3.34
N GLU C 43 -10.95 -0.42 -2.33
CA GLU C 43 -10.46 -0.25 -0.97
C GLU C 43 -8.94 -0.13 -0.87
N ILE C 44 -8.24 -1.15 -1.35
CA ILE C 44 -6.79 -1.21 -1.22
C ILE C 44 -6.14 0.01 -1.83
N ASP C 45 -6.60 0.42 -3.01
CA ASP C 45 -6.02 1.61 -3.67
C ASP C 45 -6.31 2.88 -2.87
N ALA C 46 -7.46 2.96 -2.20
CA ALA C 46 -7.72 4.12 -1.37
C ALA C 46 -6.77 4.16 -0.17
N LYS C 47 -6.46 3.00 0.42
CA LYS C 47 -5.47 3.06 1.50
C LYS C 47 -4.11 3.45 0.96
N LEU C 48 -3.75 2.98 -0.24
CA LEU C 48 -2.44 3.31 -0.79
C LEU C 48 -2.34 4.81 -1.04
N ARG C 49 -3.40 5.41 -1.57
CA ARG C 49 -3.39 6.86 -1.75
C ARG C 49 -3.31 7.61 -0.43
N TYR C 50 -4.04 7.16 0.59
CA TYR C 50 -3.95 7.75 1.93
C TYR C 50 -2.53 7.72 2.46
N LEU C 51 -1.90 6.54 2.44
CA LEU C 51 -0.51 6.42 2.89
C LEU C 51 0.44 7.32 2.12
N GLU C 52 0.31 7.34 0.77
CA GLU C 52 1.16 8.19 -0.08
C GLU C 52 1.00 9.66 0.26
N MET C 53 -0.23 10.11 0.51
CA MET C 53 -0.40 11.52 0.82
C MET C 53 0.08 11.86 2.22
N GLY C 54 -0.09 10.97 3.20
CA GLY C 54 0.50 11.22 4.49
C GLY C 54 2.02 11.38 4.42
N ILE C 55 2.65 10.51 3.62
CA ILE C 55 4.10 10.64 3.43
C ILE C 55 4.44 12.00 2.80
N ASN C 56 3.74 12.33 1.69
CA ASN C 56 4.03 13.61 1.04
C ASN C 56 3.77 14.79 1.96
N ARG C 57 2.74 14.73 2.81
CA ARG C 57 2.51 15.86 3.70
C ARG C 57 3.59 16.00 4.77
N ARG C 58 4.02 14.90 5.40
CA ARG C 58 5.13 15.03 6.33
C ARG C 58 6.33 15.68 5.66
N LYS C 59 6.65 15.22 4.44
CA LYS C 59 7.81 15.78 3.74
C LYS C 59 7.61 17.26 3.47
N GLU C 60 6.43 17.65 3.02
CA GLU C 60 6.31 19.02 2.55
C GLU C 60 6.05 20.00 3.69
N ALA C 61 5.67 19.49 4.88
CA ALA C 61 5.71 20.26 6.11
C ALA C 61 7.15 20.53 6.54
N LEU C 62 7.99 19.49 6.55
CA LEU C 62 9.40 19.73 6.84
C LEU C 62 10.02 20.69 5.83
N LEU C 63 9.58 20.60 4.57
CA LEU C 63 10.11 21.46 3.51
C LEU C 63 9.73 22.92 3.74
N LYS C 64 8.45 23.20 3.99
CA LYS C 64 8.07 24.58 4.26
C LYS C 64 8.65 25.09 5.58
N GLU C 65 8.91 24.20 6.55
CA GLU C 65 9.53 24.60 7.81
C GLU C 65 10.96 25.09 7.61
N ARG C 66 11.75 24.34 6.82
CA ARG C 66 13.15 24.68 6.55
C ARG C 66 13.30 25.98 5.76
N GLU C 67 12.24 26.52 5.18
CA GLU C 67 12.30 27.81 4.49
C GLU C 67 12.17 28.98 5.48
#